data_3FJP
#
_entry.id   3FJP
#
_cell.length_a   56.533
_cell.length_b   61.342
_cell.length_c   73.283
_cell.angle_alpha   90.00
_cell.angle_beta   90.49
_cell.angle_gamma   90.00
#
_symmetry.space_group_name_H-M   'P 1 21 1'
#
loop_
_entity.id
_entity.type
_entity.pdbx_description
1 polymer 'Biotin [acetyl-CoA-carboxylase] ligase'
2 non-polymer 'SULFATE ION'
3 water water
#
_entity_poly.entity_id   1
_entity_poly.type   'polypeptide(L)'
_entity_poly.pdbx_seq_one_letter_code
;MFKNLIWLKEVDSTQERLKEWNVSYGTALVADRQTKGRGRLGRKWLSQEGGLYFSFLLNPKEFENLLQLPLVLGLSVSEA
LEEITEIPFSLKWPNDVYFQEKKVSGVLRELSKDKLIVGIGINVNQREIPEEIKDRATTLYEITGKDWDRKEVLLKVLKR
ISENLKKFKEKSFKEFKGKIESKMLYLGEEVKLLGEGKITGKLVGLSEKGGALILTEEGIKEILSGEFSLRRS
;
_entity_poly.pdbx_strand_id   A,B
#
# COMPACT_ATOMS: atom_id res chain seq x y z
N MET A 1 -15.20 -8.06 -17.04
CA MET A 1 -14.09 -8.66 -16.32
C MET A 1 -13.29 -7.60 -15.61
N PHE A 2 -12.32 -8.02 -14.81
CA PHE A 2 -11.37 -7.07 -14.26
C PHE A 2 -10.35 -6.71 -15.32
N LYS A 3 -9.78 -5.52 -15.24
CA LYS A 3 -8.82 -5.11 -16.26
C LYS A 3 -7.52 -4.57 -15.67
N ASN A 4 -7.49 -4.47 -14.34
CA ASN A 4 -6.45 -3.72 -13.67
C ASN A 4 -6.22 -4.20 -12.23
N LEU A 5 -4.98 -4.51 -11.87
CA LEU A 5 -4.68 -4.86 -10.49
C LEU A 5 -3.86 -3.75 -9.89
N ILE A 6 -4.11 -3.45 -8.63
CA ILE A 6 -3.17 -2.63 -7.88
C ILE A 6 -2.65 -3.44 -6.68
N TRP A 7 -1.40 -3.89 -6.77
CA TRP A 7 -0.86 -4.83 -5.78
C TRP A 7 0.02 -4.19 -4.72
N LEU A 8 -0.41 -4.34 -3.47
CA LEU A 8 0.32 -3.78 -2.37
C LEU A 8 1.06 -4.88 -1.60
N LYS A 9 2.28 -4.57 -1.16
CA LYS A 9 2.97 -5.42 -0.21
C LYS A 9 2.34 -5.26 1.18
N GLU A 10 1.91 -4.05 1.49
CA GLU A 10 1.19 -3.83 2.73
C GLU A 10 0.41 -2.53 2.72
N VAL A 11 -0.67 -2.50 3.49
CA VAL A 11 -1.53 -1.34 3.57
C VAL A 11 -2.40 -1.57 4.80
N ASP A 12 -3.08 -0.52 5.26
CA ASP A 12 -3.98 -0.66 6.41
C ASP A 12 -5.13 -1.61 6.16
N SER A 13 -5.79 -1.44 5.01
CA SER A 13 -7.01 -2.21 4.71
C SER A 13 -7.43 -1.91 3.28
N THR A 14 -7.68 -2.94 2.49
CA THR A 14 -8.04 -2.73 1.09
C THR A 14 -9.41 -2.06 0.97
N GLN A 15 -10.31 -2.39 1.91
CA GLN A 15 -11.62 -1.78 1.98
C GLN A 15 -11.45 -0.28 2.26
N GLU A 16 -10.66 0.00 3.29
CA GLU A 16 -10.37 1.36 3.73
C GLU A 16 -9.91 2.22 2.57
N ARG A 17 -9.01 1.65 1.78
CA ARG A 17 -8.47 2.32 0.62
C ARG A 17 -9.50 2.63 -0.45
N LEU A 18 -10.41 1.69 -0.68
CA LEU A 18 -11.39 1.86 -1.74
C LEU A 18 -12.43 2.88 -1.33
N LYS A 19 -12.55 3.12 -0.02
CA LYS A 19 -13.39 4.20 0.46
C LYS A 19 -12.77 5.56 0.10
N GLU A 20 -11.49 5.72 0.44
CA GLU A 20 -10.80 7.01 0.34
C GLU A 20 -10.38 7.41 -1.06
N TRP A 21 -9.91 6.45 -1.85
CA TRP A 21 -9.47 6.75 -3.20
C TRP A 21 -10.56 6.50 -4.20
N ASN A 22 -10.54 7.24 -5.29
CA ASN A 22 -11.58 7.10 -6.27
C ASN A 22 -11.09 6.26 -7.42
N VAL A 23 -10.90 4.99 -7.09
CA VAL A 23 -10.58 3.95 -8.05
C VAL A 23 -11.78 3.74 -8.96
N SER A 24 -11.60 2.91 -10.00
CA SER A 24 -12.64 2.64 -10.96
C SER A 24 -13.06 1.19 -10.95
N TYR A 25 -14.30 0.95 -11.36
CA TYR A 25 -14.74 -0.39 -11.61
C TYR A 25 -13.68 -1.12 -12.43
N GLY A 26 -13.63 -2.44 -12.34
CA GLY A 26 -12.62 -3.20 -13.09
C GLY A 26 -11.25 -3.23 -12.44
N THR A 27 -11.02 -2.39 -11.44
CA THR A 27 -9.78 -2.40 -10.70
C THR A 27 -9.91 -3.25 -9.44
N ALA A 28 -9.02 -4.23 -9.27
CA ALA A 28 -8.91 -4.87 -7.97
C ALA A 28 -7.71 -4.35 -7.19
N LEU A 29 -7.94 -4.02 -5.92
CA LEU A 29 -6.87 -3.58 -5.07
C LEU A 29 -6.49 -4.72 -4.13
N VAL A 30 -5.25 -5.18 -4.24
CA VAL A 30 -4.81 -6.44 -3.68
C VAL A 30 -3.72 -6.14 -2.65
N ALA A 31 -3.75 -6.80 -1.51
CA ALA A 31 -2.69 -6.60 -0.54
C ALA A 31 -2.16 -7.94 -0.02
N ASP A 32 -0.83 -8.01 0.16
CA ASP A 32 -0.18 -9.19 0.69
C ASP A 32 -0.47 -9.33 2.19
N ARG A 33 -0.74 -8.20 2.82
CA ARG A 33 -0.90 -8.19 4.25
C ARG A 33 -1.62 -6.89 4.55
N GLN A 34 -2.54 -6.91 5.52
CA GLN A 34 -3.20 -5.69 6.00
C GLN A 34 -2.72 -5.36 7.41
N THR A 35 -2.70 -4.07 7.74
CA THR A 35 -2.28 -3.65 9.06
C THR A 35 -3.51 -3.21 9.83
N LYS A 36 -4.26 -4.19 10.33
CA LYS A 36 -5.55 -3.95 10.98
C LYS A 36 -6.61 -3.54 9.95
N GLU A 49 0.92 -12.86 6.93
CA GLU A 49 1.72 -13.20 5.76
C GLU A 49 1.34 -14.55 5.14
N GLY A 50 1.27 -14.61 3.82
CA GLY A 50 0.78 -15.80 3.12
C GLY A 50 -0.72 -15.73 2.82
N GLY A 51 -1.38 -14.67 3.29
CA GLY A 51 -2.80 -14.50 3.03
C GLY A 51 -3.00 -13.72 1.76
N LEU A 52 -4.23 -13.64 1.28
CA LEU A 52 -4.54 -12.90 0.07
C LEU A 52 -5.77 -12.00 0.28
N TYR A 53 -5.59 -10.69 0.14
CA TYR A 53 -6.70 -9.76 0.39
C TYR A 53 -6.94 -8.80 -0.76
N PHE A 54 -8.20 -8.61 -1.11
CA PHE A 54 -8.45 -7.64 -2.15
C PHE A 54 -9.83 -7.09 -2.03
N SER A 55 -10.01 -5.91 -2.61
CA SER A 55 -11.29 -5.22 -2.58
C SER A 55 -11.54 -4.68 -3.96
N PHE A 56 -12.81 -4.61 -4.35
CA PHE A 56 -13.19 -3.95 -5.58
C PHE A 56 -14.57 -3.27 -5.42
N LEU A 57 -14.91 -2.48 -6.44
CA LEU A 57 -16.11 -1.67 -6.46
C LEU A 57 -17.17 -2.27 -7.33
N LEU A 58 -18.39 -2.26 -6.83
CA LEU A 58 -19.51 -2.64 -7.68
C LEU A 58 -20.47 -1.48 -7.81
N ASN A 59 -21.40 -1.62 -8.73
CA ASN A 59 -22.51 -0.68 -8.85
C ASN A 59 -23.58 -0.94 -7.79
N PRO A 60 -23.75 0.00 -6.85
CA PRO A 60 -24.69 -0.21 -5.73
C PRO A 60 -26.13 -0.44 -6.19
N LYS A 61 -26.45 0.05 -7.39
CA LYS A 61 -27.78 -0.13 -7.95
C LYS A 61 -27.97 -1.54 -8.47
N GLU A 62 -26.89 -2.14 -8.95
CA GLU A 62 -26.95 -3.46 -9.56
C GLU A 62 -27.20 -4.58 -8.54
N PHE A 63 -27.01 -4.23 -7.26
CA PHE A 63 -26.99 -5.23 -6.19
C PHE A 63 -27.66 -4.72 -4.92
N GLU A 64 -28.96 -4.47 -5.03
CA GLU A 64 -29.74 -3.86 -3.95
C GLU A 64 -30.01 -4.85 -2.82
N ASN A 65 -30.38 -6.08 -3.19
CA ASN A 65 -30.44 -7.22 -2.28
C ASN A 65 -29.02 -7.54 -1.85
N LEU A 66 -28.73 -7.32 -0.58
CA LEU A 66 -27.37 -7.55 -0.15
C LEU A 66 -27.22 -8.79 0.72
N LEU A 67 -28.08 -9.76 0.51
CA LEU A 67 -27.85 -11.07 1.08
C LEU A 67 -27.42 -11.94 -0.10
N GLN A 68 -28.03 -11.69 -1.26
CA GLN A 68 -27.73 -12.48 -2.44
C GLN A 68 -26.32 -12.27 -2.94
N LEU A 69 -25.90 -11.02 -2.93
CA LEU A 69 -24.58 -10.70 -3.42
C LEU A 69 -23.43 -11.45 -2.71
N PRO A 70 -23.31 -11.30 -1.37
CA PRO A 70 -22.25 -12.01 -0.66
C PRO A 70 -22.33 -13.51 -0.89
N LEU A 71 -23.53 -14.06 -1.06
CA LEU A 71 -23.66 -15.51 -1.29
C LEU A 71 -23.12 -15.93 -2.68
N VAL A 72 -23.36 -15.11 -3.69
CA VAL A 72 -22.81 -15.42 -5.02
C VAL A 72 -21.30 -15.22 -5.04
N LEU A 73 -20.84 -14.27 -4.26
CA LEU A 73 -19.40 -14.04 -4.16
C LEU A 73 -18.71 -15.23 -3.50
N GLY A 74 -19.33 -15.72 -2.42
CA GLY A 74 -18.85 -16.88 -1.73
C GLY A 74 -18.86 -18.10 -2.61
N LEU A 75 -20.00 -18.34 -3.28
CA LEU A 75 -20.02 -19.37 -4.32
C LEU A 75 -18.79 -19.26 -5.26
N SER A 76 -18.60 -18.10 -5.87
CA SER A 76 -17.43 -17.89 -6.71
C SER A 76 -16.07 -18.27 -6.07
N VAL A 77 -15.88 -17.89 -4.81
CA VAL A 77 -14.61 -18.18 -4.19
C VAL A 77 -14.49 -19.68 -4.08
N SER A 78 -15.59 -20.35 -3.74
CA SER A 78 -15.51 -21.79 -3.51
C SER A 78 -15.28 -22.58 -4.81
N GLU A 79 -15.95 -22.17 -5.87
CA GLU A 79 -15.67 -22.70 -7.18
C GLU A 79 -14.18 -22.53 -7.56
N ALA A 80 -13.65 -21.33 -7.34
CA ALA A 80 -12.25 -21.07 -7.69
C ALA A 80 -11.24 -21.95 -6.93
N LEU A 81 -11.40 -22.07 -5.62
CA LEU A 81 -10.45 -22.75 -4.76
C LEU A 81 -10.46 -24.25 -5.05
N GLU A 82 -11.61 -24.74 -5.49
CA GLU A 82 -11.74 -26.13 -5.87
C GLU A 82 -11.13 -26.41 -7.24
N GLU A 83 -11.35 -25.49 -8.19
CA GLU A 83 -10.69 -25.63 -9.47
C GLU A 83 -9.19 -25.73 -9.26
N ILE A 84 -8.67 -24.94 -8.34
CA ILE A 84 -7.24 -24.87 -8.14
C ILE A 84 -6.68 -26.01 -7.34
N THR A 85 -7.41 -26.47 -6.33
CA THR A 85 -6.85 -27.40 -5.35
C THR A 85 -7.50 -28.77 -5.46
N GLU A 86 -8.66 -28.82 -6.06
CA GLU A 86 -9.46 -30.04 -6.15
C GLU A 86 -10.25 -30.34 -4.88
N ILE A 87 -10.02 -29.57 -3.82
CA ILE A 87 -10.81 -29.70 -2.60
C ILE A 87 -12.12 -28.98 -2.74
N PRO A 88 -13.22 -29.61 -2.31
CA PRO A 88 -14.51 -28.91 -2.36
C PRO A 88 -14.70 -28.13 -1.07
N PHE A 89 -15.47 -27.05 -1.13
CA PHE A 89 -15.58 -26.11 -0.03
C PHE A 89 -17.06 -25.80 0.24
N SER A 90 -17.35 -25.37 1.46
CA SER A 90 -18.72 -25.07 1.86
C SER A 90 -18.92 -23.58 1.95
N LEU A 91 -20.19 -23.20 1.97
CA LEU A 91 -20.58 -21.81 2.12
C LEU A 91 -21.30 -21.68 3.46
N LYS A 92 -20.92 -20.70 4.27
CA LYS A 92 -21.65 -20.40 5.50
C LYS A 92 -22.63 -19.30 5.20
N TRP A 93 -23.87 -19.52 5.57
CA TRP A 93 -24.82 -18.45 5.41
C TRP A 93 -24.56 -17.57 6.63
N PRO A 94 -24.50 -16.24 6.44
CA PRO A 94 -24.64 -15.55 5.17
C PRO A 94 -23.37 -15.19 4.40
N ASN A 95 -22.15 -15.38 4.88
CA ASN A 95 -21.07 -14.92 4.00
C ASN A 95 -19.69 -15.54 3.87
N ASP A 96 -19.35 -16.58 4.59
CA ASP A 96 -17.94 -16.97 4.45
C ASP A 96 -17.82 -18.28 3.68
N VAL A 97 -16.59 -18.72 3.42
CA VAL A 97 -16.32 -19.97 2.73
C VAL A 97 -15.55 -20.83 3.71
N TYR A 98 -15.91 -22.10 3.82
CA TYR A 98 -15.39 -22.96 4.88
C TYR A 98 -14.83 -24.26 4.30
N PHE A 99 -13.83 -24.83 4.95
CA PHE A 99 -13.58 -26.25 4.75
C PHE A 99 -13.97 -26.93 6.04
N GLN A 100 -15.07 -27.70 6.01
CA GLN A 100 -15.62 -28.27 7.23
C GLN A 100 -16.05 -27.15 8.20
N GLU A 101 -15.75 -27.22 9.48
CA GLU A 101 -16.23 -26.10 10.31
C GLU A 101 -15.19 -25.00 10.43
N LYS A 102 -14.26 -24.95 9.47
CA LYS A 102 -13.18 -23.97 9.51
C LYS A 102 -13.15 -22.96 8.33
N LYS A 103 -13.16 -21.67 8.69
CA LYS A 103 -13.21 -20.58 7.73
C LYS A 103 -11.92 -20.51 6.95
N VAL A 104 -12.03 -20.51 5.63
CA VAL A 104 -10.84 -20.34 4.80
C VAL A 104 -10.86 -18.95 4.12
N SER A 105 -12.05 -18.35 3.97
CA SER A 105 -12.17 -17.09 3.25
C SER A 105 -13.31 -16.24 3.77
N GLY A 106 -13.05 -14.96 3.96
CA GLY A 106 -14.08 -14.03 4.37
C GLY A 106 -14.62 -13.24 3.20
N VAL A 107 -15.92 -13.00 3.21
CA VAL A 107 -16.54 -12.17 2.20
C VAL A 107 -17.29 -11.00 2.82
N LEU A 108 -16.98 -9.81 2.37
CA LEU A 108 -17.51 -8.62 2.98
C LEU A 108 -18.06 -7.62 1.97
N ARG A 109 -19.11 -6.94 2.36
CA ARG A 109 -19.74 -5.95 1.51
C ARG A 109 -20.15 -4.74 2.34
N GLU A 110 -19.73 -3.55 1.90
CA GLU A 110 -20.09 -2.29 2.57
C GLU A 110 -20.57 -1.21 1.61
N LEU A 111 -21.75 -0.66 1.88
CA LEU A 111 -22.19 0.56 1.21
C LEU A 111 -21.55 1.72 1.94
N SER A 112 -20.72 2.48 1.24
CA SER A 112 -20.13 3.66 1.85
C SER A 112 -20.39 4.84 0.95
N LYS A 113 -21.38 5.64 1.33
CA LYS A 113 -21.75 6.76 0.52
C LYS A 113 -22.19 6.24 -0.82
N ASP A 114 -21.48 6.66 -1.85
CA ASP A 114 -21.87 6.35 -3.20
C ASP A 114 -21.45 4.97 -3.69
N LYS A 115 -20.55 4.31 -2.95
CA LYS A 115 -19.94 3.07 -3.43
C LYS A 115 -20.48 1.81 -2.77
N LEU A 116 -20.52 0.75 -3.57
CA LEU A 116 -20.55 -0.60 -3.02
C LEU A 116 -19.13 -1.16 -3.10
N ILE A 117 -18.53 -1.38 -1.94
CA ILE A 117 -17.18 -1.93 -1.81
C ILE A 117 -17.16 -3.39 -1.32
N VAL A 118 -16.72 -4.28 -2.22
CA VAL A 118 -16.53 -5.70 -1.90
C VAL A 118 -15.11 -6.04 -1.38
N GLY A 119 -15.03 -6.69 -0.22
CA GLY A 119 -13.78 -7.16 0.34
C GLY A 119 -13.72 -8.69 0.47
N ILE A 120 -12.62 -9.29 0.02
CA ILE A 120 -12.42 -10.73 0.15
C ILE A 120 -11.03 -11.09 0.67
N GLY A 121 -11.00 -11.90 1.71
CA GLY A 121 -9.75 -12.44 2.23
C GLY A 121 -9.73 -13.95 2.05
N ILE A 122 -8.61 -14.50 1.63
CA ILE A 122 -8.45 -15.94 1.53
C ILE A 122 -7.20 -16.39 2.27
N ASN A 123 -7.31 -17.42 3.09
CA ASN A 123 -6.14 -17.90 3.83
C ASN A 123 -5.40 -18.91 2.97
N VAL A 124 -4.32 -18.49 2.34
CA VAL A 124 -3.63 -19.38 1.43
C VAL A 124 -2.47 -20.16 2.08
N ASN A 125 -1.40 -19.46 2.41
CA ASN A 125 -0.14 -20.11 2.80
C ASN A 125 0.34 -19.82 4.24
N GLN A 126 -0.43 -19.10 5.04
CA GLN A 126 -0.04 -18.89 6.43
C GLN A 126 0.32 -20.20 7.12
N ARG A 127 1.44 -20.18 7.84
CA ARG A 127 1.96 -21.41 8.45
C ARG A 127 1.37 -21.64 9.83
N GLU A 128 1.27 -20.55 10.58
CA GLU A 128 0.90 -20.61 11.99
C GLU A 128 -0.50 -20.09 12.25
N ILE A 129 -1.37 -21.02 12.61
CA ILE A 129 -2.74 -20.68 12.95
C ILE A 129 -2.84 -20.65 14.45
N PRO A 130 -3.03 -19.45 15.01
CA PRO A 130 -3.04 -19.23 16.46
C PRO A 130 -3.95 -20.21 17.18
N GLU A 131 -3.54 -20.60 18.37
CA GLU A 131 -4.26 -21.60 19.14
C GLU A 131 -5.73 -21.29 19.29
N GLU A 132 -6.05 -20.01 19.50
CA GLU A 132 -7.42 -19.60 19.83
C GLU A 132 -8.44 -19.81 18.70
N ILE A 133 -7.99 -19.61 17.47
CA ILE A 133 -8.84 -19.75 16.29
C ILE A 133 -8.70 -21.07 15.54
N LYS A 134 -7.65 -21.84 15.77
CA LYS A 134 -7.38 -23.00 14.93
C LYS A 134 -8.56 -23.96 14.82
N ASP A 135 -9.49 -23.85 15.76
CA ASP A 135 -10.68 -24.68 15.78
C ASP A 135 -11.70 -24.21 14.74
N ARG A 136 -11.67 -22.91 14.43
CA ARG A 136 -12.64 -22.33 13.52
C ARG A 136 -12.04 -21.64 12.29
N ALA A 137 -10.75 -21.83 12.06
CA ALA A 137 -10.07 -21.19 10.93
C ALA A 137 -9.02 -22.10 10.30
N THR A 138 -8.77 -21.88 9.02
CA THR A 138 -7.78 -22.71 8.36
C THR A 138 -7.22 -22.04 7.10
N THR A 139 -6.33 -22.72 6.39
CA THR A 139 -5.63 -22.19 5.24
C THR A 139 -5.58 -23.30 4.20
N LEU A 140 -5.24 -22.95 2.95
CA LEU A 140 -5.10 -23.92 1.88
C LEU A 140 -3.92 -24.86 2.16
N TYR A 141 -2.86 -24.30 2.75
CA TYR A 141 -1.69 -25.06 3.11
C TYR A 141 -1.97 -26.14 4.17
N GLU A 142 -2.76 -25.79 5.18
CA GLU A 142 -3.17 -26.73 6.20
C GLU A 142 -3.98 -27.87 5.58
N ILE A 143 -4.80 -27.54 4.61
CA ILE A 143 -5.71 -28.51 4.03
C ILE A 143 -5.03 -29.46 3.03
N THR A 144 -3.98 -28.96 2.37
CA THR A 144 -3.40 -29.67 1.22
C THR A 144 -1.95 -30.05 1.45
N GLY A 145 -1.34 -29.51 2.50
CA GLY A 145 0.09 -29.67 2.71
C GLY A 145 0.94 -29.07 1.61
N LYS A 146 0.36 -28.16 0.83
CA LYS A 146 1.06 -27.54 -0.30
C LYS A 146 0.88 -26.02 -0.41
N ASP A 147 1.97 -25.32 -0.68
CA ASP A 147 1.92 -23.92 -1.02
C ASP A 147 1.32 -23.69 -2.39
N TRP A 148 0.56 -22.60 -2.51
CA TRP A 148 -0.06 -22.22 -3.77
C TRP A 148 0.34 -20.79 -4.15
N ASP A 149 0.56 -20.59 -5.45
CA ASP A 149 0.91 -19.28 -5.98
C ASP A 149 -0.29 -18.34 -5.79
N ARG A 150 -0.07 -17.30 -5.00
CA ARG A 150 -1.16 -16.47 -4.59
C ARG A 150 -1.81 -15.72 -5.76
N LYS A 151 -1.02 -15.25 -6.72
CA LYS A 151 -1.60 -14.59 -7.88
C LYS A 151 -2.46 -15.53 -8.76
N GLU A 152 -2.01 -16.75 -8.96
CA GLU A 152 -2.89 -17.68 -9.70
C GLU A 152 -4.19 -17.95 -8.93
N VAL A 153 -4.14 -17.91 -7.59
CA VAL A 153 -5.36 -18.02 -6.81
C VAL A 153 -6.25 -16.82 -7.10
N LEU A 154 -5.66 -15.64 -6.90
CA LEU A 154 -6.38 -14.39 -7.17
C LEU A 154 -7.02 -14.37 -8.57
N LEU A 155 -6.25 -14.68 -9.59
CA LEU A 155 -6.77 -14.64 -10.94
C LEU A 155 -7.99 -15.54 -11.08
N LYS A 156 -7.86 -16.76 -10.55
CA LYS A 156 -8.93 -17.72 -10.70
C LYS A 156 -10.19 -17.23 -9.98
N VAL A 157 -10.00 -16.60 -8.82
CA VAL A 157 -11.15 -16.07 -8.09
C VAL A 157 -11.82 -14.94 -8.87
N LEU A 158 -11.02 -13.96 -9.26
CA LEU A 158 -11.51 -12.82 -10.04
C LEU A 158 -12.26 -13.27 -11.30
N LYS A 159 -11.74 -14.30 -11.96
CA LYS A 159 -12.39 -14.84 -13.14
C LYS A 159 -13.77 -15.47 -12.86
N ARG A 160 -13.89 -16.19 -11.74
CA ARG A 160 -15.16 -16.79 -11.33
C ARG A 160 -16.13 -15.70 -10.82
N ILE A 161 -15.62 -14.75 -10.06
CA ILE A 161 -16.47 -13.61 -9.73
C ILE A 161 -17.01 -12.87 -10.97
N SER A 162 -16.18 -12.65 -11.98
CA SER A 162 -16.61 -11.92 -13.18
C SER A 162 -17.73 -12.67 -13.86
N GLU A 163 -17.46 -13.96 -14.06
CA GLU A 163 -18.35 -14.87 -14.75
C GLU A 163 -19.68 -14.94 -14.02
N ASN A 164 -19.64 -15.35 -12.74
CA ASN A 164 -20.87 -15.48 -11.95
C ASN A 164 -21.65 -14.15 -11.89
N LEU A 165 -20.97 -13.03 -11.72
CA LEU A 165 -21.70 -11.77 -11.51
C LEU A 165 -22.38 -11.30 -12.76
N LYS A 166 -21.89 -11.79 -13.89
CA LYS A 166 -22.36 -11.42 -15.20
C LYS A 166 -23.62 -12.21 -15.48
N LYS A 167 -23.54 -13.52 -15.31
CA LYS A 167 -24.73 -14.35 -15.31
C LYS A 167 -25.80 -13.81 -14.33
N PHE A 168 -25.36 -13.26 -13.20
CA PHE A 168 -26.26 -12.75 -12.17
C PHE A 168 -27.00 -11.50 -12.64
N LYS A 169 -26.34 -10.66 -13.41
CA LYS A 169 -26.99 -9.50 -13.98
C LYS A 169 -27.91 -9.89 -15.13
N GLU A 170 -27.46 -10.79 -15.97
CA GLU A 170 -28.24 -11.21 -17.11
C GLU A 170 -29.56 -11.91 -16.84
N LYS A 171 -29.48 -12.92 -15.99
CA LYS A 171 -30.61 -13.62 -15.44
C LYS A 171 -30.88 -13.17 -14.02
N SER A 172 -30.88 -14.12 -13.10
CA SER A 172 -31.20 -13.83 -11.70
C SER A 172 -30.49 -14.69 -10.68
N PHE A 173 -30.86 -14.47 -9.44
CA PHE A 173 -30.35 -15.27 -8.36
C PHE A 173 -30.67 -16.77 -8.50
N LYS A 174 -31.63 -17.13 -9.35
CA LYS A 174 -32.04 -18.54 -9.49
C LYS A 174 -30.99 -19.46 -10.09
N GLU A 175 -30.04 -18.88 -10.83
CA GLU A 175 -28.99 -19.70 -11.44
C GLU A 175 -27.97 -20.15 -10.39
N PHE A 176 -28.18 -19.72 -9.15
CA PHE A 176 -27.16 -19.87 -8.12
C PHE A 176 -27.68 -20.54 -6.86
N LYS A 177 -28.94 -20.29 -6.53
CA LYS A 177 -29.60 -20.79 -5.30
C LYS A 177 -29.28 -22.24 -4.86
N GLY A 178 -29.51 -23.18 -5.76
CA GLY A 178 -29.38 -24.60 -5.46
C GLY A 178 -27.94 -25.01 -5.32
N LYS A 179 -27.07 -24.30 -6.03
CA LYS A 179 -25.65 -24.56 -5.96
C LYS A 179 -25.21 -24.09 -4.60
N ILE A 180 -25.72 -22.93 -4.22
CA ILE A 180 -25.37 -22.34 -2.92
C ILE A 180 -25.85 -23.23 -1.78
N GLU A 181 -27.14 -23.47 -1.71
CA GLU A 181 -27.72 -24.47 -0.81
C GLU A 181 -26.96 -25.78 -0.76
N SER A 182 -26.52 -26.29 -1.91
CA SER A 182 -25.98 -27.63 -1.86
C SER A 182 -24.62 -27.58 -1.23
N LYS A 183 -24.10 -26.37 -1.09
CA LYS A 183 -22.80 -26.15 -0.49
C LYS A 183 -22.88 -25.59 0.94
N MET A 184 -24.09 -25.21 1.37
CA MET A 184 -24.28 -24.58 2.67
C MET A 184 -23.95 -25.50 3.83
N LEU A 185 -23.17 -24.96 4.77
CA LEU A 185 -22.85 -25.66 6.00
C LEU A 185 -24.10 -25.85 6.83
N TYR A 186 -24.23 -27.02 7.43
CA TYR A 186 -25.36 -27.34 8.32
C TYR A 186 -26.64 -27.56 7.54
N LEU A 187 -26.51 -27.59 6.22
CA LEU A 187 -27.66 -27.87 5.38
C LEU A 187 -28.26 -29.17 5.83
N GLY A 188 -29.54 -29.12 6.17
CA GLY A 188 -30.31 -30.32 6.44
C GLY A 188 -30.27 -30.65 7.90
N GLU A 189 -29.45 -29.89 8.64
CA GLU A 189 -29.18 -30.14 10.06
C GLU A 189 -29.97 -29.19 10.94
N GLU A 190 -29.95 -29.48 12.22
CA GLU A 190 -30.69 -28.70 13.20
C GLU A 190 -29.78 -27.62 13.76
N VAL A 191 -30.31 -26.40 13.88
CA VAL A 191 -29.52 -25.21 14.17
C VAL A 191 -30.28 -24.22 15.03
N LYS A 192 -29.55 -23.25 15.60
CA LYS A 192 -30.17 -22.13 16.30
C LYS A 192 -29.54 -20.81 15.89
N LEU A 193 -30.22 -19.71 16.19
CA LEU A 193 -29.61 -18.40 16.02
C LEU A 193 -28.79 -18.04 17.26
N LEU A 194 -27.60 -17.46 17.04
CA LEU A 194 -26.71 -17.08 18.13
C LEU A 194 -27.31 -15.94 18.98
N GLY A 195 -27.71 -16.26 20.21
CA GLY A 195 -28.24 -15.27 21.11
C GLY A 195 -29.69 -14.96 20.81
N GLU A 196 -30.35 -15.92 20.15
CA GLU A 196 -31.75 -15.81 19.79
C GLU A 196 -32.37 -17.17 20.07
N GLY A 197 -32.53 -17.46 21.36
CA GLY A 197 -32.97 -18.76 21.83
C GLY A 197 -34.33 -19.19 21.31
N LYS A 198 -35.12 -18.22 20.84
CA LYS A 198 -36.43 -18.54 20.27
C LYS A 198 -36.36 -19.51 19.08
N ILE A 199 -35.67 -19.10 18.02
CA ILE A 199 -35.64 -19.85 16.75
C ILE A 199 -34.68 -21.04 16.70
N THR A 200 -35.26 -22.22 16.65
CA THR A 200 -34.50 -23.43 16.41
C THR A 200 -35.23 -24.24 15.33
N GLY A 201 -34.56 -25.23 14.78
CA GLY A 201 -35.14 -25.99 13.71
C GLY A 201 -34.10 -26.41 12.68
N LYS A 202 -34.57 -27.15 11.68
CA LYS A 202 -33.72 -27.66 10.62
C LYS A 202 -33.43 -26.59 9.53
N LEU A 203 -32.17 -26.52 9.12
CA LEU A 203 -31.75 -25.63 8.05
C LEU A 203 -32.09 -26.26 6.69
N VAL A 204 -33.16 -25.79 6.04
CA VAL A 204 -33.65 -26.49 4.86
C VAL A 204 -33.21 -25.90 3.51
N GLY A 205 -32.73 -24.66 3.51
CA GLY A 205 -32.36 -24.02 2.26
C GLY A 205 -32.56 -22.52 2.32
N LEU A 206 -32.71 -21.91 1.15
CA LEU A 206 -32.80 -20.47 1.04
C LEU A 206 -34.10 -20.03 0.43
N SER A 207 -34.57 -18.87 0.83
CA SER A 207 -35.70 -18.25 0.20
C SER A 207 -35.24 -17.62 -1.10
N GLU A 208 -36.20 -17.25 -1.92
CA GLU A 208 -35.91 -16.57 -3.17
C GLU A 208 -34.94 -15.39 -3.00
N LYS A 209 -35.14 -14.57 -1.96
CA LYS A 209 -34.35 -13.36 -1.74
C LYS A 209 -33.03 -13.57 -0.97
N GLY A 210 -32.64 -14.83 -0.75
CA GLY A 210 -31.37 -15.11 -0.12
C GLY A 210 -31.43 -15.39 1.37
N GLY A 211 -32.63 -15.34 1.94
CA GLY A 211 -32.81 -15.60 3.36
C GLY A 211 -32.68 -17.07 3.72
N ALA A 212 -32.23 -17.34 4.93
CA ALA A 212 -32.10 -18.72 5.39
C ALA A 212 -33.44 -19.24 5.89
N LEU A 213 -33.72 -20.50 5.57
CA LEU A 213 -35.02 -21.09 5.89
C LEU A 213 -34.81 -22.13 6.95
N ILE A 214 -35.49 -21.91 8.09
CA ILE A 214 -35.47 -22.83 9.21
C ILE A 214 -36.84 -23.43 9.37
N LEU A 215 -36.88 -24.75 9.44
CA LEU A 215 -38.14 -25.40 9.66
C LEU A 215 -38.30 -25.53 11.16
N THR A 216 -39.08 -24.62 11.75
CA THR A 216 -39.26 -24.65 13.19
C THR A 216 -40.54 -25.40 13.53
N GLU A 217 -40.64 -25.79 14.80
CA GLU A 217 -41.85 -26.39 15.35
C GLU A 217 -43.08 -25.80 14.68
N GLU A 218 -43.22 -24.48 14.72
CA GLU A 218 -44.34 -23.80 14.11
C GLU A 218 -44.13 -23.38 12.64
N GLY A 219 -43.45 -24.23 11.87
CA GLY A 219 -43.25 -23.96 10.45
C GLY A 219 -41.99 -23.22 10.07
N ILE A 220 -41.93 -22.78 8.82
CA ILE A 220 -40.76 -22.20 8.24
C ILE A 220 -40.55 -20.77 8.72
N LYS A 221 -39.36 -20.53 9.25
CA LYS A 221 -38.96 -19.15 9.48
C LYS A 221 -37.86 -18.70 8.52
N GLU A 222 -38.05 -17.52 7.97
CA GLU A 222 -37.03 -16.91 7.12
C GLU A 222 -36.16 -15.94 7.92
N ILE A 223 -34.88 -16.27 8.03
CA ILE A 223 -33.93 -15.41 8.70
C ILE A 223 -33.21 -14.50 7.72
N LEU A 224 -33.27 -13.20 7.98
CA LEU A 224 -32.59 -12.21 7.17
C LEU A 224 -31.29 -11.70 7.78
N SER A 225 -30.84 -12.34 8.88
CA SER A 225 -29.54 -12.03 9.48
C SER A 225 -29.29 -12.72 10.83
N GLY A 226 -28.02 -12.81 11.21
CA GLY A 226 -27.65 -13.53 12.41
C GLY A 226 -26.61 -14.61 12.10
N GLU A 227 -26.28 -15.42 13.10
CA GLU A 227 -25.30 -16.48 12.90
C GLU A 227 -25.81 -17.85 13.38
N PHE A 228 -25.72 -18.87 12.53
CA PHE A 228 -26.18 -20.22 12.89
C PHE A 228 -25.12 -21.10 13.51
N SER A 229 -25.60 -22.10 14.24
CA SER A 229 -24.72 -23.19 14.62
C SER A 229 -25.50 -24.48 14.83
N LEU A 230 -24.77 -25.58 14.76
CA LEU A 230 -25.30 -26.89 15.11
C LEU A 230 -25.99 -26.94 16.48
N ARG A 231 -26.59 -28.09 16.79
CA ARG A 231 -27.29 -28.30 18.06
C ARG A 231 -26.84 -29.59 18.72
N PHE B 2 5.60 9.89 11.23
CA PHE B 2 4.67 9.18 10.35
C PHE B 2 4.30 7.87 11.01
N LYS B 3 3.39 7.13 10.41
CA LYS B 3 2.93 5.89 10.99
C LYS B 3 2.42 4.93 9.90
N ASN B 4 1.38 5.34 9.21
CA ASN B 4 0.72 4.50 8.24
C ASN B 4 1.53 4.36 6.94
N LEU B 5 1.80 3.12 6.55
CA LEU B 5 2.51 2.87 5.32
C LEU B 5 1.59 2.31 4.25
N ILE B 6 1.71 2.87 3.05
CA ILE B 6 1.10 2.29 1.88
C ILE B 6 2.25 1.83 1.01
N TRP B 7 2.42 0.53 0.85
CA TRP B 7 3.58 0.04 0.15
C TRP B 7 3.22 -0.74 -1.12
N LEU B 8 3.65 -0.25 -2.26
CA LEU B 8 3.28 -0.83 -3.55
C LEU B 8 4.45 -1.54 -4.14
N LYS B 9 4.18 -2.50 -5.00
CA LYS B 9 5.25 -3.21 -5.67
C LYS B 9 5.84 -2.34 -6.78
N GLU B 10 4.99 -1.61 -7.49
CA GLU B 10 5.40 -0.88 -8.67
C GLU B 10 4.45 0.28 -8.97
N VAL B 11 5.00 1.45 -9.30
CA VAL B 11 4.17 2.59 -9.70
C VAL B 11 4.87 3.38 -10.79
N ASP B 12 4.11 4.25 -11.45
CA ASP B 12 4.71 5.25 -12.32
C ASP B 12 5.69 6.04 -11.48
N SER B 13 5.15 6.77 -10.51
CA SER B 13 5.96 7.52 -9.56
C SER B 13 5.17 7.74 -8.29
N THR B 14 5.87 7.73 -7.16
CA THR B 14 5.21 7.88 -5.88
C THR B 14 4.64 9.29 -5.82
N GLN B 15 5.35 10.23 -6.44
CA GLN B 15 4.87 11.59 -6.52
C GLN B 15 3.54 11.55 -7.25
N GLU B 16 3.54 10.99 -8.45
CA GLU B 16 2.31 10.88 -9.22
C GLU B 16 1.13 10.34 -8.38
N ARG B 17 1.35 9.21 -7.70
CA ARG B 17 0.32 8.58 -6.89
C ARG B 17 -0.20 9.46 -5.73
N LEU B 18 0.64 10.32 -5.18
CA LEU B 18 0.14 11.20 -4.11
C LEU B 18 -0.65 12.40 -4.63
N LYS B 19 -0.63 12.60 -5.94
CA LYS B 19 -1.48 13.59 -6.60
C LYS B 19 -2.92 13.07 -6.70
N GLU B 20 -3.07 11.85 -7.22
CA GLU B 20 -4.38 11.27 -7.47
C GLU B 20 -5.04 10.80 -6.18
N TRP B 21 -4.37 9.88 -5.48
CA TRP B 21 -4.91 9.27 -4.28
C TRP B 21 -4.82 10.18 -3.08
N ASN B 22 -5.97 10.60 -2.59
CA ASN B 22 -6.01 11.43 -1.40
C ASN B 22 -5.48 10.69 -0.19
N VAL B 23 -4.42 11.24 0.38
CA VAL B 23 -3.84 10.63 1.54
C VAL B 23 -3.81 11.68 2.64
N SER B 24 -3.39 11.27 3.82
CA SER B 24 -3.32 12.16 4.97
C SER B 24 -1.92 12.15 5.54
N TYR B 25 -1.53 13.26 6.18
CA TYR B 25 -0.20 13.35 6.80
C TYR B 25 0.09 12.13 7.66
N GLY B 26 1.34 11.93 8.05
CA GLY B 26 1.72 10.74 8.80
C GLY B 26 1.75 9.47 7.95
N THR B 27 1.19 9.57 6.75
CA THR B 27 1.21 8.48 5.79
C THR B 27 2.36 8.60 4.79
N ALA B 28 3.05 7.48 4.54
CA ALA B 28 4.08 7.42 3.52
C ALA B 28 3.66 6.46 2.40
N LEU B 29 3.81 6.90 1.17
CA LEU B 29 3.51 6.06 0.04
C LEU B 29 4.83 5.58 -0.56
N VAL B 30 5.05 4.28 -0.42
CA VAL B 30 6.29 3.64 -0.75
C VAL B 30 6.10 2.77 -2.01
N ALA B 31 7.19 2.56 -2.73
CA ALA B 31 7.18 1.67 -3.88
C ALA B 31 8.52 0.93 -4.04
N ASP B 32 8.47 -0.32 -4.50
CA ASP B 32 9.69 -1.06 -4.76
C ASP B 32 10.34 -0.54 -6.02
N ARG B 33 9.52 -0.04 -6.92
CA ARG B 33 10.01 0.42 -8.20
C ARG B 33 9.09 1.49 -8.83
N GLN B 34 9.66 2.36 -9.65
CA GLN B 34 8.89 3.40 -10.31
C GLN B 34 9.12 3.22 -11.81
N THR B 35 8.08 3.44 -12.60
CA THR B 35 8.15 3.17 -14.05
C THR B 35 8.60 4.35 -14.93
N LYS B 36 8.32 5.57 -14.48
CA LYS B 36 8.90 6.76 -15.07
C LYS B 36 8.85 7.90 -14.03
N GLN B 48 16.71 -2.35 -11.66
CA GLN B 48 15.32 -1.98 -11.38
C GLN B 48 15.04 -2.14 -9.88
N GLU B 49 15.08 -3.40 -9.43
CA GLU B 49 14.81 -3.75 -8.03
C GLU B 49 15.97 -3.40 -7.09
N GLY B 50 15.65 -2.95 -5.87
CA GLY B 50 16.64 -2.66 -4.83
C GLY B 50 16.67 -1.21 -4.41
N GLY B 51 15.99 -0.38 -5.21
CA GLY B 51 15.79 1.02 -4.89
C GLY B 51 14.70 1.13 -3.86
N LEU B 52 14.67 2.26 -3.17
CA LEU B 52 13.55 2.56 -2.29
C LEU B 52 13.01 3.96 -2.63
N TYR B 53 11.69 4.07 -2.77
CA TYR B 53 11.06 5.30 -3.22
C TYR B 53 9.80 5.56 -2.42
N PHE B 54 9.64 6.82 -1.97
CA PHE B 54 8.48 7.20 -1.21
C PHE B 54 8.12 8.68 -1.32
N SER B 55 6.82 8.95 -1.33
CA SER B 55 6.33 10.30 -1.21
C SER B 55 5.50 10.40 0.06
N PHE B 56 5.31 11.64 0.52
CA PHE B 56 4.46 11.96 1.64
C PHE B 56 4.01 13.41 1.56
N LEU B 57 3.01 13.77 2.37
CA LEU B 57 2.39 15.08 2.27
C LEU B 57 2.83 15.93 3.40
N LEU B 58 3.09 17.19 3.07
CA LEU B 58 3.41 18.17 4.09
C LEU B 58 2.38 19.28 4.01
N ASN B 59 2.17 19.96 5.12
CA ASN B 59 1.26 21.10 5.10
C ASN B 59 1.93 22.28 4.41
N PRO B 60 1.55 22.55 3.17
CA PRO B 60 2.28 23.59 2.45
C PRO B 60 2.50 24.86 3.28
N LYS B 61 1.46 25.33 3.97
CA LYS B 61 1.59 26.54 4.81
C LYS B 61 2.87 26.53 5.64
N GLU B 62 3.00 25.58 6.56
CA GLU B 62 4.16 25.49 7.48
C GLU B 62 5.51 25.32 6.77
N PHE B 63 5.49 25.08 5.46
CA PHE B 63 6.72 24.95 4.67
C PHE B 63 6.62 25.76 3.37
N GLU B 64 6.94 27.05 3.48
CA GLU B 64 6.77 27.98 2.37
C GLU B 64 8.09 28.32 1.73
N ASN B 65 9.17 27.94 2.41
CA ASN B 65 10.48 28.03 1.77
C ASN B 65 10.84 26.68 1.14
N LEU B 66 10.71 26.60 -0.18
CA LEU B 66 10.97 25.36 -0.90
C LEU B 66 12.47 25.10 -1.15
N LEU B 67 13.32 25.96 -0.57
CA LEU B 67 14.76 25.79 -0.66
C LEU B 67 15.28 25.18 0.63
N GLN B 68 14.75 25.62 1.76
CA GLN B 68 15.28 25.12 3.03
C GLN B 68 14.73 23.73 3.37
N LEU B 69 13.50 23.49 2.95
CA LEU B 69 12.88 22.18 3.10
C LEU B 69 13.80 21.04 2.60
N PRO B 70 14.10 21.01 1.27
CA PRO B 70 14.93 19.91 0.72
C PRO B 70 16.27 19.77 1.41
N LEU B 71 16.87 20.92 1.73
CA LEU B 71 18.13 20.94 2.45
C LEU B 71 17.98 20.22 3.79
N VAL B 72 16.85 20.45 4.45
CA VAL B 72 16.55 19.76 5.71
C VAL B 72 16.14 18.28 5.51
N LEU B 73 15.40 17.99 4.45
CA LEU B 73 15.11 16.61 4.11
C LEU B 73 16.40 15.84 3.80
N GLY B 74 17.21 16.38 2.90
CA GLY B 74 18.52 15.82 2.59
C GLY B 74 19.39 15.57 3.81
N LEU B 75 19.49 16.58 4.67
CA LEU B 75 20.21 16.42 5.92
C LEU B 75 19.65 15.19 6.65
N SER B 76 18.34 15.11 6.74
CA SER B 76 17.73 13.99 7.49
C SER B 76 18.18 12.65 6.90
N VAL B 77 18.04 12.50 5.58
CA VAL B 77 18.43 11.27 4.96
C VAL B 77 19.87 10.98 5.31
N SER B 78 20.74 11.98 5.16
CA SER B 78 22.15 11.71 5.34
C SER B 78 22.43 11.30 6.79
N GLU B 79 21.70 11.89 7.73
CA GLU B 79 21.82 11.50 9.15
C GLU B 79 21.44 10.05 9.38
N ALA B 80 20.22 9.71 8.97
CA ALA B 80 19.70 8.33 9.03
C ALA B 80 20.64 7.28 8.45
N LEU B 81 21.14 7.57 7.23
CA LEU B 81 21.97 6.65 6.48
C LEU B 81 23.35 6.46 7.10
N GLU B 82 23.95 7.55 7.61
CA GLU B 82 25.20 7.39 8.35
C GLU B 82 24.93 6.56 9.61
N GLU B 83 23.75 6.72 10.20
CA GLU B 83 23.46 5.97 11.40
C GLU B 83 23.26 4.48 11.09
N ILE B 84 22.65 4.19 9.95
CA ILE B 84 22.45 2.79 9.58
C ILE B 84 23.78 2.17 9.17
N THR B 85 24.60 2.94 8.49
CA THR B 85 25.76 2.37 7.81
C THR B 85 27.09 2.74 8.46
N GLU B 86 27.08 3.68 9.41
CA GLU B 86 28.32 4.19 9.97
C GLU B 86 29.20 4.86 8.92
N ILE B 87 28.62 5.13 7.75
CA ILE B 87 29.31 5.80 6.67
C ILE B 87 28.80 7.22 6.50
N PRO B 88 29.73 8.18 6.45
CA PRO B 88 29.29 9.59 6.40
C PRO B 88 28.92 9.97 4.98
N PHE B 89 28.03 10.94 4.87
CA PHE B 89 27.37 11.25 3.63
C PHE B 89 27.32 12.74 3.43
N SER B 90 27.73 13.21 2.27
CA SER B 90 27.76 14.64 2.11
C SER B 90 26.47 15.07 1.45
N LEU B 91 26.31 16.38 1.32
CA LEU B 91 25.10 16.95 0.73
C LEU B 91 25.44 17.74 -0.51
N LYS B 92 24.75 17.51 -1.61
CA LYS B 92 24.96 18.33 -2.81
C LYS B 92 23.83 19.33 -2.93
N TRP B 93 24.16 20.60 -2.79
CA TRP B 93 23.19 21.69 -2.83
C TRP B 93 22.47 21.69 -4.17
N PRO B 94 21.15 21.83 -4.17
CA PRO B 94 20.30 22.06 -2.99
C PRO B 94 19.51 20.85 -2.52
N ASN B 95 19.74 19.64 -3.01
CA ASN B 95 18.72 18.61 -2.79
C ASN B 95 19.09 17.15 -2.97
N ASP B 96 20.38 16.83 -3.04
CA ASP B 96 20.76 15.42 -3.12
C ASP B 96 21.71 15.00 -2.03
N VAL B 97 21.79 13.69 -1.83
CA VAL B 97 22.71 13.12 -0.86
C VAL B 97 23.78 12.28 -1.57
N TYR B 98 25.03 12.62 -1.33
CA TYR B 98 26.14 12.01 -2.02
C TYR B 98 27.08 11.21 -1.10
N PHE B 99 27.75 10.20 -1.67
CA PHE B 99 28.98 9.68 -1.11
C PHE B 99 30.11 10.02 -2.08
N GLN B 100 31.03 10.87 -1.64
CA GLN B 100 32.07 11.35 -2.53
C GLN B 100 31.38 11.95 -3.74
N GLU B 101 31.79 11.57 -4.96
CA GLU B 101 31.18 12.16 -6.15
C GLU B 101 29.91 11.47 -6.68
N LYS B 102 29.38 10.48 -5.98
CA LYS B 102 28.23 9.75 -6.51
C LYS B 102 26.99 9.90 -5.66
N LYS B 103 25.86 10.10 -6.33
CA LYS B 103 24.56 10.31 -5.67
C LYS B 103 23.93 9.03 -5.15
N VAL B 104 23.58 9.02 -3.86
CA VAL B 104 22.88 7.89 -3.25
C VAL B 104 21.39 8.14 -3.04
N SER B 105 21.00 9.40 -2.96
CA SER B 105 19.64 9.75 -2.58
C SER B 105 19.27 11.11 -3.14
N GLY B 106 18.00 11.28 -3.49
CA GLY B 106 17.56 12.49 -4.14
C GLY B 106 16.23 12.89 -3.55
N VAL B 107 16.04 14.19 -3.39
CA VAL B 107 14.85 14.77 -2.80
C VAL B 107 14.10 15.69 -3.76
N LEU B 108 12.80 15.50 -3.82
CA LEU B 108 11.94 16.32 -4.63
C LEU B 108 10.87 16.97 -3.83
N ARG B 109 10.30 18.01 -4.39
CA ARG B 109 9.17 18.69 -3.81
C ARG B 109 8.38 19.39 -4.85
N GLU B 110 7.07 19.24 -4.76
CA GLU B 110 6.14 19.86 -5.68
C GLU B 110 4.95 20.43 -4.98
N LEU B 111 4.44 21.53 -5.50
CA LEU B 111 3.13 22.05 -5.12
C LEU B 111 2.15 21.56 -6.14
N SER B 112 1.15 20.82 -5.69
CA SER B 112 0.15 20.29 -6.61
C SER B 112 -1.21 20.57 -6.00
N LYS B 113 -2.09 21.17 -6.80
CA LYS B 113 -3.32 21.74 -6.29
C LYS B 113 -2.97 22.48 -5.01
N ASP B 114 -3.52 22.03 -3.90
CA ASP B 114 -3.26 22.65 -2.62
C ASP B 114 -2.48 21.72 -1.70
N LYS B 115 -1.65 20.86 -2.29
CA LYS B 115 -0.80 19.97 -1.50
C LYS B 115 0.71 20.25 -1.68
N LEU B 116 1.51 19.84 -0.70
CA LEU B 116 2.96 19.84 -0.84
C LEU B 116 3.47 18.39 -0.87
N ILE B 117 3.79 17.89 -2.05
CA ILE B 117 4.24 16.51 -2.19
C ILE B 117 5.77 16.37 -2.21
N VAL B 118 6.27 15.62 -1.24
CA VAL B 118 7.68 15.37 -1.08
C VAL B 118 8.05 13.98 -1.56
N GLY B 119 9.06 13.90 -2.43
CA GLY B 119 9.59 12.62 -2.89
C GLY B 119 11.04 12.36 -2.48
N ILE B 120 11.33 11.11 -2.21
CA ILE B 120 12.65 10.73 -1.80
C ILE B 120 13.01 9.38 -2.43
N GLY B 121 14.26 9.23 -2.82
CA GLY B 121 14.67 8.03 -3.49
C GLY B 121 16.02 7.72 -2.93
N ILE B 122 16.23 6.44 -2.64
CA ILE B 122 17.48 5.99 -2.04
C ILE B 122 17.97 4.76 -2.75
N ASN B 123 19.21 4.79 -3.20
CA ASN B 123 19.72 3.63 -3.90
C ASN B 123 20.25 2.67 -2.87
N VAL B 124 19.44 1.69 -2.48
CA VAL B 124 19.89 0.74 -1.45
C VAL B 124 20.68 -0.51 -1.94
N ASN B 125 20.02 -1.43 -2.63
CA ASN B 125 20.66 -2.69 -2.95
C ASN B 125 20.86 -2.96 -4.45
N GLN B 126 20.56 -1.99 -5.31
CA GLN B 126 20.72 -2.28 -6.73
C GLN B 126 22.10 -2.87 -7.06
N ARG B 127 22.08 -3.95 -7.86
CA ARG B 127 23.30 -4.66 -8.24
C ARG B 127 23.91 -4.12 -9.53
N GLU B 128 23.07 -3.85 -10.52
CA GLU B 128 23.58 -3.32 -11.78
C GLU B 128 23.54 -1.81 -11.83
N ILE B 129 24.73 -1.21 -11.81
CA ILE B 129 24.86 0.21 -12.12
C ILE B 129 25.51 0.34 -13.49
N PRO B 130 24.74 0.76 -14.50
CA PRO B 130 25.21 0.93 -15.90
C PRO B 130 26.40 1.89 -16.03
N GLU B 131 27.33 1.58 -16.93
CA GLU B 131 28.47 2.44 -17.21
C GLU B 131 28.01 3.85 -17.61
N GLU B 132 26.84 3.90 -18.23
CA GLU B 132 26.24 5.17 -18.62
C GLU B 132 26.19 6.17 -17.46
N ILE B 133 26.24 5.67 -16.23
CA ILE B 133 26.02 6.53 -15.07
C ILE B 133 26.83 6.18 -13.85
N LYS B 134 27.64 5.13 -13.91
CA LYS B 134 28.30 4.67 -12.70
C LYS B 134 29.21 5.74 -12.11
N ASP B 135 29.54 6.74 -12.93
CA ASP B 135 30.44 7.83 -12.50
C ASP B 135 29.78 8.88 -11.60
N ARG B 136 28.46 8.83 -11.50
CA ARG B 136 27.73 9.86 -10.77
C ARG B 136 26.64 9.28 -9.89
N ALA B 137 26.61 7.97 -9.77
CA ALA B 137 25.58 7.26 -9.03
C ALA B 137 26.19 6.08 -8.29
N THR B 138 25.59 5.71 -7.15
CA THR B 138 26.07 4.64 -6.31
C THR B 138 24.94 4.15 -5.41
N THR B 139 25.14 3.00 -4.76
CA THR B 139 24.14 2.41 -3.91
C THR B 139 24.76 2.17 -2.54
N LEU B 140 23.95 1.98 -1.50
CA LEU B 140 24.52 1.63 -0.20
C LEU B 140 25.23 0.28 -0.30
N TYR B 141 24.80 -0.56 -1.23
CA TYR B 141 25.33 -1.89 -1.36
C TYR B 141 26.73 -1.86 -1.94
N GLU B 142 26.99 -0.90 -2.82
CA GLU B 142 28.31 -0.79 -3.42
C GLU B 142 29.31 -0.19 -2.46
N ILE B 143 28.87 0.86 -1.78
CA ILE B 143 29.65 1.51 -0.74
C ILE B 143 30.03 0.53 0.37
N THR B 144 29.05 -0.18 0.90
CA THR B 144 29.28 -0.97 2.11
C THR B 144 29.55 -2.44 1.81
N GLY B 145 29.37 -2.84 0.56
CA GLY B 145 29.57 -4.23 0.19
C GLY B 145 28.57 -5.18 0.81
N LYS B 146 27.61 -4.65 1.58
CA LYS B 146 26.47 -5.47 1.97
C LYS B 146 25.09 -4.92 1.58
N ASP B 147 24.11 -5.81 1.71
CA ASP B 147 22.72 -5.56 1.43
C ASP B 147 22.10 -5.03 2.71
N TRP B 148 21.06 -4.20 2.57
CA TRP B 148 20.41 -3.58 3.70
C TRP B 148 18.91 -3.70 3.59
N ASP B 149 18.25 -3.95 4.73
CA ASP B 149 16.79 -4.09 4.77
C ASP B 149 16.10 -2.77 4.46
N ARG B 150 15.35 -2.72 3.37
CA ARG B 150 14.79 -1.45 2.89
C ARG B 150 13.81 -0.81 3.87
N LYS B 151 12.99 -1.64 4.50
CA LYS B 151 11.97 -1.15 5.42
C LYS B 151 12.60 -0.55 6.66
N GLU B 152 13.66 -1.18 7.13
CA GLU B 152 14.38 -0.62 8.26
C GLU B 152 14.93 0.74 7.87
N VAL B 153 15.57 0.80 6.70
CA VAL B 153 16.16 2.04 6.24
C VAL B 153 15.07 3.11 6.19
N LEU B 154 13.93 2.76 5.61
CA LEU B 154 12.84 3.69 5.47
C LEU B 154 12.36 4.19 6.84
N LEU B 155 12.13 3.26 7.75
CA LEU B 155 11.65 3.65 9.08
C LEU B 155 12.57 4.69 9.68
N LYS B 156 13.86 4.37 9.73
CA LYS B 156 14.88 5.28 10.24
C LYS B 156 14.82 6.64 9.55
N VAL B 157 14.90 6.64 8.22
CA VAL B 157 14.84 7.88 7.46
C VAL B 157 13.58 8.69 7.76
N LEU B 158 12.44 8.02 7.80
CA LEU B 158 11.16 8.69 8.09
C LEU B 158 11.16 9.26 9.49
N LYS B 159 11.86 8.60 10.40
CA LYS B 159 11.98 9.12 11.76
C LYS B 159 12.79 10.43 11.80
N ARG B 160 14.03 10.42 11.31
CA ARG B 160 14.87 11.62 11.30
C ARG B 160 14.14 12.78 10.70
N ILE B 161 13.51 12.52 9.56
CA ILE B 161 12.75 13.53 8.83
C ILE B 161 11.72 14.15 9.74
N SER B 162 10.89 13.30 10.35
CA SER B 162 9.88 13.75 11.33
C SER B 162 10.47 14.66 12.43
N GLU B 163 11.51 14.16 13.09
CA GLU B 163 12.21 14.88 14.14
C GLU B 163 12.72 16.23 13.63
N ASN B 164 13.53 16.19 12.58
CA ASN B 164 14.15 17.38 11.99
C ASN B 164 13.14 18.43 11.57
N LEU B 165 11.97 18.00 11.12
CA LEU B 165 10.97 18.93 10.62
C LEU B 165 10.19 19.60 11.75
N LYS B 166 10.00 18.86 12.85
CA LYS B 166 9.36 19.42 14.01
C LYS B 166 10.22 20.58 14.43
N LYS B 167 11.49 20.27 14.71
CA LYS B 167 12.41 21.27 15.20
C LYS B 167 12.45 22.43 14.22
N PHE B 168 12.50 22.12 12.95
CA PHE B 168 12.52 23.16 11.92
C PHE B 168 11.34 24.14 12.11
N LYS B 169 10.23 23.62 12.62
CA LYS B 169 9.01 24.42 12.67
C LYS B 169 8.88 25.16 13.99
N GLU B 170 9.35 24.55 15.07
CA GLU B 170 9.28 25.19 16.37
C GLU B 170 10.34 26.28 16.47
N LYS B 171 11.43 26.07 15.74
CA LYS B 171 12.55 26.98 15.73
C LYS B 171 12.75 27.59 14.34
N SER B 172 13.93 27.41 13.76
CA SER B 172 14.14 27.92 12.41
C SER B 172 15.14 27.09 11.60
N PHE B 173 15.58 27.69 10.48
CA PHE B 173 16.60 27.09 9.66
C PHE B 173 18.00 27.21 10.28
N LYS B 174 18.21 28.20 11.12
CA LYS B 174 19.52 28.34 11.79
C LYS B 174 19.86 27.07 12.57
N GLU B 175 18.83 26.36 13.00
CA GLU B 175 19.00 25.09 13.68
C GLU B 175 19.75 24.06 12.85
N PHE B 176 19.83 24.26 11.53
CA PHE B 176 20.40 23.27 10.63
C PHE B 176 21.50 23.81 9.72
N LYS B 177 21.52 25.14 9.55
CA LYS B 177 22.45 25.78 8.61
C LYS B 177 23.88 25.28 8.75
N GLY B 178 24.44 25.41 9.94
CA GLY B 178 25.82 25.01 10.16
C GLY B 178 26.06 23.52 9.95
N LYS B 179 25.01 22.73 10.16
CA LYS B 179 25.12 21.28 10.03
C LYS B 179 25.06 20.89 8.54
N ILE B 180 24.27 21.65 7.80
CA ILE B 180 24.13 21.47 6.37
C ILE B 180 25.40 21.93 5.67
N GLU B 181 25.77 23.17 5.95
CA GLU B 181 27.02 23.74 5.45
C GLU B 181 28.21 22.79 5.61
N SER B 182 28.37 22.16 6.78
CA SER B 182 29.57 21.35 7.01
C SER B 182 29.64 20.17 6.08
N LYS B 183 28.45 19.62 5.78
CA LYS B 183 28.28 18.47 4.90
C LYS B 183 28.24 18.82 3.40
N MET B 184 28.21 20.12 3.07
CA MET B 184 28.10 20.51 1.65
C MET B 184 29.28 20.09 0.79
N LEU B 185 28.95 19.51 -0.34
CA LEU B 185 29.92 19.13 -1.36
C LEU B 185 30.46 20.38 -2.10
N TYR B 186 31.73 20.33 -2.50
CA TYR B 186 32.36 21.37 -3.31
C TYR B 186 32.58 22.67 -2.58
N LEU B 187 32.38 22.66 -1.27
CA LEU B 187 32.69 23.85 -0.50
C LEU B 187 34.15 24.24 -0.72
N GLY B 188 34.38 25.50 -1.06
CA GLY B 188 35.72 25.99 -1.28
C GLY B 188 36.26 25.68 -2.66
N GLU B 189 35.41 25.21 -3.57
CA GLU B 189 35.88 24.83 -4.91
C GLU B 189 35.14 25.57 -5.99
N GLU B 190 35.71 25.57 -7.19
CA GLU B 190 35.08 26.20 -8.32
C GLU B 190 33.85 25.41 -8.71
N VAL B 191 32.79 26.12 -9.04
CA VAL B 191 31.56 25.46 -9.43
C VAL B 191 30.87 26.19 -10.53
N LYS B 192 29.89 25.52 -11.13
CA LYS B 192 29.06 26.16 -12.10
C LYS B 192 27.64 25.75 -11.78
N LEU B 193 26.76 26.73 -11.92
CA LEU B 193 25.34 26.55 -11.76
C LEU B 193 24.70 26.64 -13.10
N LEU B 194 24.18 25.52 -13.57
CA LEU B 194 23.49 25.49 -14.84
C LEU B 194 22.02 25.37 -14.58
N GLY B 195 21.26 26.31 -15.08
CA GLY B 195 19.84 26.27 -14.84
C GLY B 195 19.18 27.29 -15.71
N GLU B 196 18.87 28.42 -15.14
CA GLU B 196 18.23 29.48 -15.86
C GLU B 196 19.26 30.38 -16.41
N GLY B 197 20.38 29.80 -16.75
CA GLY B 197 21.54 30.55 -17.12
C GLY B 197 22.72 29.84 -16.51
N LYS B 198 23.87 30.50 -16.54
CA LYS B 198 25.07 29.98 -15.92
C LYS B 198 25.56 30.99 -14.89
N ILE B 199 26.00 30.49 -13.74
CA ILE B 199 26.77 31.26 -12.80
C ILE B 199 27.95 30.40 -12.48
N THR B 200 29.16 30.94 -12.61
CA THR B 200 30.35 30.22 -12.14
C THR B 200 31.13 31.02 -11.11
N GLY B 201 32.04 30.34 -10.42
CA GLY B 201 32.86 30.95 -9.40
C GLY B 201 33.06 29.97 -8.25
N LYS B 202 33.50 30.46 -7.10
CA LYS B 202 33.80 29.59 -5.96
C LYS B 202 32.66 29.50 -4.91
N LEU B 203 32.33 28.27 -4.51
CA LEU B 203 31.31 28.00 -3.50
C LEU B 203 31.93 28.27 -2.14
N VAL B 204 31.46 29.33 -1.49
CA VAL B 204 32.15 29.84 -0.30
C VAL B 204 31.37 29.50 0.96
N GLY B 205 30.06 29.39 0.85
CA GLY B 205 29.33 28.81 1.93
C GLY B 205 27.86 28.77 1.65
N LEU B 206 27.12 28.74 2.74
CA LEU B 206 25.68 28.72 2.73
C LEU B 206 25.17 29.91 3.51
N SER B 207 24.16 30.58 2.97
CA SER B 207 23.61 31.71 3.68
C SER B 207 22.59 31.27 4.73
N GLU B 208 22.24 32.21 5.58
CA GLU B 208 21.19 32.05 6.56
C GLU B 208 19.90 31.58 5.88
N LYS B 209 19.67 32.03 4.65
CA LYS B 209 18.46 31.64 3.91
C LYS B 209 18.57 30.26 3.23
N GLY B 210 19.71 29.60 3.36
CA GLY B 210 19.93 28.35 2.64
C GLY B 210 20.42 28.56 1.21
N GLY B 211 20.68 29.81 0.83
CA GLY B 211 21.11 30.13 -0.53
C GLY B 211 22.56 29.75 -0.70
N ALA B 212 22.95 29.34 -1.89
CA ALA B 212 24.37 29.06 -2.11
C ALA B 212 25.11 30.38 -2.24
N LEU B 213 26.28 30.45 -1.62
CA LEU B 213 27.08 31.67 -1.73
C LEU B 213 28.22 31.48 -2.73
N ILE B 214 28.12 32.17 -3.85
CA ILE B 214 29.12 32.02 -4.90
C ILE B 214 29.92 33.29 -5.04
N LEU B 215 31.23 33.16 -4.94
CA LEU B 215 32.10 34.30 -5.25
C LEU B 215 32.48 34.28 -6.74
N THR B 216 31.99 35.27 -7.46
CA THR B 216 32.17 35.33 -8.89
C THR B 216 33.11 36.48 -9.19
N GLU B 217 33.41 36.67 -10.48
CA GLU B 217 34.18 37.84 -10.92
C GLU B 217 33.60 39.13 -10.38
N GLU B 218 32.33 39.11 -10.01
CA GLU B 218 31.67 40.30 -9.47
C GLU B 218 31.31 40.15 -7.99
N GLY B 219 32.11 39.38 -7.26
CA GLY B 219 31.86 39.21 -5.84
C GLY B 219 30.69 38.27 -5.59
N ILE B 220 30.18 38.30 -4.36
CA ILE B 220 29.25 37.29 -3.90
C ILE B 220 27.86 37.39 -4.51
N LYS B 221 27.44 36.31 -5.17
CA LYS B 221 26.05 36.14 -5.54
C LYS B 221 25.44 35.11 -4.61
N GLU B 222 24.22 35.39 -4.13
CA GLU B 222 23.51 34.46 -3.26
C GLU B 222 22.44 33.78 -4.08
N ILE B 223 22.58 32.48 -4.32
CA ILE B 223 21.64 31.79 -5.22
C ILE B 223 20.45 31.23 -4.47
N LEU B 224 19.26 31.63 -4.88
CA LEU B 224 18.04 31.32 -4.16
C LEU B 224 17.03 30.43 -4.91
N SER B 225 17.28 30.19 -6.20
CA SER B 225 16.43 29.30 -6.99
C SER B 225 16.89 27.85 -6.87
N GLY B 226 15.93 26.95 -6.63
CA GLY B 226 16.23 25.52 -6.58
C GLY B 226 16.22 24.89 -7.97
N GLU B 227 16.13 25.75 -8.99
CA GLU B 227 16.02 25.29 -10.38
C GLU B 227 17.38 25.24 -11.06
N PHE B 228 18.41 25.47 -10.26
CA PHE B 228 19.80 25.38 -10.71
C PHE B 228 20.42 24.04 -10.34
N SER B 229 21.35 23.60 -11.18
CA SER B 229 22.17 22.45 -10.90
C SER B 229 23.59 22.96 -10.59
N LEU B 230 24.14 22.49 -9.47
CA LEU B 230 25.45 22.96 -9.04
C LEU B 230 26.50 21.88 -9.14
N ARG B 231 27.49 22.14 -9.97
CA ARG B 231 28.45 21.11 -10.28
C ARG B 231 29.88 21.58 -10.14
N ARG B 232 30.75 20.65 -9.77
CA ARG B 232 32.15 20.92 -9.77
C ARG B 232 32.50 21.54 -11.11
N SER B 233 33.27 22.61 -11.08
CA SER B 233 33.65 23.30 -12.29
C SER B 233 34.65 22.43 -13.04
#